data_2OIE
#
_entry.id   2OIE
#
_cell.length_a   53.204
_cell.length_b   62.616
_cell.length_c   137.927
_cell.angle_alpha   90.00
_cell.angle_beta   90.00
_cell.angle_gamma   90.00
#
_symmetry.space_group_name_H-M   'P 21 21 21'
#
loop_
_entity.id
_entity.type
_entity.pdbx_description
1 polymer RS21-C6
2 non-polymer 'SULFATE ION'
3 water water
#
_entity_poly.entity_id   1
_entity_poly.type   'polypeptide(L)'
_entity_poly.pdbx_seq_one_letter_code
;GPLGSRPFRFSPEPTLEDIRRLHAEFAAERDWEQFHQPRNLLLALVGEVGELAELFQWKSDTEPGPQAWPPKERAALQEE
LSDVLIYLVALAARCHVDLPQAVISKMDTNR
;
_entity_poly.pdbx_strand_id   A,B,C,D
#
# COMPACT_ATOMS: atom_id res chain seq x y z
N ARG A 6 -14.43 -14.17 -29.76
CA ARG A 6 -13.98 -12.80 -29.43
C ARG A 6 -12.89 -12.86 -28.35
N PRO A 7 -11.63 -13.13 -28.73
CA PRO A 7 -10.59 -13.19 -27.70
C PRO A 7 -10.48 -11.87 -26.94
N PHE A 8 -10.20 -11.95 -25.64
CA PHE A 8 -10.08 -10.75 -24.82
C PHE A 8 -8.88 -9.91 -25.17
N ARG A 9 -9.11 -8.60 -25.21
CA ARG A 9 -8.07 -7.63 -25.50
C ARG A 9 -8.45 -6.31 -24.86
N PHE A 10 -7.47 -5.43 -24.72
CA PHE A 10 -7.69 -4.10 -24.20
C PHE A 10 -8.08 -3.35 -25.46
N SER A 11 -8.87 -2.28 -25.35
CA SER A 11 -9.23 -1.52 -26.54
C SER A 11 -7.93 -0.85 -27.02
N PRO A 12 -7.90 -0.39 -28.28
CA PRO A 12 -6.72 0.28 -28.89
C PRO A 12 -6.40 1.63 -28.25
N GLU A 13 -7.42 2.27 -27.70
CA GLU A 13 -7.24 3.55 -27.03
C GLU A 13 -8.36 3.72 -26.01
N PRO A 14 -8.23 4.72 -25.12
CA PRO A 14 -7.15 5.69 -24.99
C PRO A 14 -5.80 5.08 -24.64
N THR A 15 -4.73 5.82 -24.95
CA THR A 15 -3.37 5.38 -24.64
C THR A 15 -3.00 6.03 -23.30
N LEU A 16 -1.80 5.74 -22.80
CA LEU A 16 -1.36 6.32 -21.54
C LEU A 16 -1.24 7.83 -21.71
N GLU A 17 -0.78 8.27 -22.88
CA GLU A 17 -0.66 9.69 -23.16
C GLU A 17 -2.04 10.34 -23.19
N ASP A 18 -3.02 9.63 -23.73
CA ASP A 18 -4.39 10.13 -23.78
C ASP A 18 -4.86 10.28 -22.34
N ILE A 19 -4.58 9.26 -21.55
CA ILE A 19 -5.01 9.30 -20.17
C ILE A 19 -4.36 10.52 -19.50
N ARG A 20 -3.03 10.65 -19.60
CA ARG A 20 -2.34 11.78 -19.00
C ARG A 20 -3.00 13.10 -19.41
N ARG A 21 -3.27 13.23 -20.71
CA ARG A 21 -3.90 14.45 -21.22
C ARG A 21 -5.29 14.67 -20.60
N LEU A 22 -6.16 13.66 -20.73
CA LEU A 22 -7.51 13.74 -20.20
C LEU A 22 -7.53 14.13 -18.73
N HIS A 23 -6.64 13.55 -17.93
CA HIS A 23 -6.61 13.87 -16.53
C HIS A 23 -6.07 15.29 -16.30
N ALA A 24 -5.05 15.65 -17.05
CA ALA A 24 -4.44 16.97 -16.94
C ALA A 24 -5.45 18.10 -17.18
N GLU A 25 -6.41 17.85 -18.06
CA GLU A 25 -7.43 18.85 -18.37
C GLU A 25 -8.57 18.85 -17.35
N PHE A 26 -9.00 17.67 -16.93
CA PHE A 26 -10.07 17.59 -15.96
C PHE A 26 -9.70 18.38 -14.71
N ALA A 27 -8.46 18.24 -14.26
CA ALA A 27 -7.99 18.94 -13.05
C ALA A 27 -7.77 20.44 -13.28
N ALA A 28 -7.25 20.79 -14.45
CA ALA A 28 -7.00 22.17 -14.80
C ALA A 28 -8.32 22.93 -14.81
N GLU A 29 -9.36 22.29 -15.31
CA GLU A 29 -10.65 22.91 -15.35
C GLU A 29 -11.31 22.89 -13.97
N ARG A 30 -10.48 22.76 -12.94
CA ARG A 30 -10.94 22.75 -11.57
C ARG A 30 -9.92 23.43 -10.67
N ASP A 31 -8.78 23.78 -11.26
CA ASP A 31 -7.68 24.43 -10.56
C ASP A 31 -7.18 23.53 -9.44
N TRP A 32 -6.92 22.28 -9.80
CA TRP A 32 -6.45 21.24 -8.89
C TRP A 32 -4.95 21.00 -8.97
N GLU A 33 -4.26 21.72 -9.85
CA GLU A 33 -2.81 21.54 -10.00
C GLU A 33 -2.05 21.63 -8.68
N GLN A 34 -2.51 22.48 -7.78
CA GLN A 34 -1.85 22.63 -6.50
C GLN A 34 -1.85 21.29 -5.73
N PHE A 35 -2.80 20.42 -6.04
CA PHE A 35 -2.91 19.13 -5.35
C PHE A 35 -2.04 18.05 -5.95
N HIS A 36 -1.48 18.30 -7.12
CA HIS A 36 -0.70 17.27 -7.76
C HIS A 36 0.78 17.36 -7.54
N GLN A 37 1.16 17.09 -6.29
CA GLN A 37 2.55 17.05 -5.87
C GLN A 37 2.78 15.55 -5.71
N PRO A 38 4.00 15.08 -6.02
CA PRO A 38 4.37 13.68 -5.96
C PRO A 38 3.86 12.86 -4.77
N ARG A 39 4.20 13.25 -3.55
CA ARG A 39 3.77 12.45 -2.43
C ARG A 39 2.26 12.45 -2.23
N ASN A 40 1.60 13.53 -2.63
CA ASN A 40 0.13 13.61 -2.55
C ASN A 40 -0.49 12.58 -3.49
N LEU A 41 0.02 12.54 -4.71
CA LEU A 41 -0.50 11.62 -5.72
C LEU A 41 -0.18 10.18 -5.32
N LEU A 42 1.03 9.98 -4.80
CA LEU A 42 1.45 8.66 -4.38
C LEU A 42 0.50 8.17 -3.28
N LEU A 43 0.19 9.02 -2.31
CA LEU A 43 -0.70 8.61 -1.24
C LEU A 43 -2.14 8.37 -1.76
N ALA A 44 -2.58 9.18 -2.72
CA ALA A 44 -3.92 9.01 -3.28
C ALA A 44 -3.97 7.63 -3.97
N LEU A 45 -2.87 7.29 -4.64
CA LEU A 45 -2.75 6.00 -5.35
C LEU A 45 -2.83 4.83 -4.37
N VAL A 46 -2.14 4.98 -3.25
CA VAL A 46 -2.16 3.96 -2.18
C VAL A 46 -3.63 3.87 -1.73
N GLY A 47 -4.31 5.01 -1.67
CA GLY A 47 -5.71 4.98 -1.27
C GLY A 47 -6.56 4.14 -2.22
N GLU A 48 -6.35 4.29 -3.52
CA GLU A 48 -7.12 3.53 -4.48
C GLU A 48 -6.73 2.07 -4.50
N VAL A 49 -5.45 1.75 -4.29
CA VAL A 49 -5.02 0.35 -4.23
C VAL A 49 -5.80 -0.31 -3.06
N GLY A 50 -6.02 0.46 -2.00
CA GLY A 50 -6.77 -0.04 -0.87
C GLY A 50 -8.20 -0.37 -1.29
N GLU A 51 -8.86 0.51 -2.04
CA GLU A 51 -10.24 0.26 -2.48
C GLU A 51 -10.26 -1.00 -3.33
N LEU A 52 -9.23 -1.17 -4.15
CA LEU A 52 -9.14 -2.33 -5.03
C LEU A 52 -8.98 -3.60 -4.16
N ALA A 53 -8.11 -3.54 -3.16
CA ALA A 53 -7.90 -4.68 -2.30
C ALA A 53 -9.19 -5.15 -1.64
N GLU A 54 -10.06 -4.21 -1.29
CA GLU A 54 -11.32 -4.53 -0.63
C GLU A 54 -12.22 -5.43 -1.48
N LEU A 55 -12.13 -5.29 -2.80
CA LEU A 55 -12.96 -6.11 -3.70
C LEU A 55 -12.55 -7.58 -3.70
N PHE A 56 -11.34 -7.85 -3.22
CA PHE A 56 -10.82 -9.22 -3.26
C PHE A 56 -10.66 -9.95 -1.93
N GLN A 57 -10.70 -9.21 -0.82
CA GLN A 57 -10.52 -9.81 0.50
C GLN A 57 -11.62 -10.80 0.84
N TRP A 58 -12.80 -10.57 0.30
CA TRP A 58 -13.94 -11.44 0.58
C TRP A 58 -13.93 -12.68 -0.29
N LYS A 59 -13.13 -12.64 -1.36
CA LYS A 59 -13.05 -13.74 -2.30
C LYS A 59 -12.03 -14.82 -1.95
N SER A 60 -11.58 -15.49 -3.00
CA SER A 60 -10.59 -16.57 -2.96
C SER A 60 -10.39 -16.85 -4.43
N ASP A 61 -9.19 -17.28 -4.84
CA ASP A 61 -8.96 -17.52 -6.25
C ASP A 61 -9.62 -18.79 -6.78
N THR A 62 -10.94 -18.78 -6.91
CA THR A 62 -11.66 -19.94 -7.44
C THR A 62 -11.46 -19.92 -8.95
N GLU A 63 -11.53 -21.08 -9.58
CA GLU A 63 -11.35 -21.18 -11.03
C GLU A 63 -12.14 -20.08 -11.73
N PRO A 64 -13.46 -19.97 -11.46
CA PRO A 64 -14.28 -18.92 -12.09
C PRO A 64 -13.86 -17.58 -11.47
N GLY A 65 -12.99 -16.86 -12.17
CA GLY A 65 -12.51 -15.60 -11.63
C GLY A 65 -13.43 -14.39 -11.78
N PRO A 66 -12.88 -13.19 -11.55
CA PRO A 66 -13.56 -11.90 -11.65
C PRO A 66 -14.30 -11.76 -12.97
N GLN A 67 -13.84 -12.46 -14.00
CA GLN A 67 -14.50 -12.40 -15.31
C GLN A 67 -15.94 -12.89 -15.20
N ALA A 68 -16.18 -13.78 -14.25
CA ALA A 68 -17.51 -14.32 -14.02
C ALA A 68 -18.25 -13.60 -12.88
N TRP A 69 -17.66 -12.52 -12.37
CA TRP A 69 -18.30 -11.76 -11.31
C TRP A 69 -19.57 -11.11 -11.87
N PRO A 70 -20.63 -11.00 -11.05
CA PRO A 70 -21.87 -10.38 -11.52
C PRO A 70 -21.61 -8.91 -11.91
N PRO A 71 -22.51 -8.30 -12.70
CA PRO A 71 -22.45 -6.92 -13.20
C PRO A 71 -22.00 -5.81 -12.24
N LYS A 72 -22.66 -5.69 -11.09
CA LYS A 72 -22.29 -4.64 -10.15
C LYS A 72 -20.85 -4.77 -9.70
N GLU A 73 -20.43 -5.99 -9.37
CA GLU A 73 -19.08 -6.21 -8.93
C GLU A 73 -18.05 -5.95 -10.04
N ARG A 74 -18.41 -6.24 -11.29
CA ARG A 74 -17.49 -5.99 -12.38
C ARG A 74 -17.38 -4.47 -12.61
N ALA A 75 -18.48 -3.76 -12.47
CA ALA A 75 -18.44 -2.31 -12.65
C ALA A 75 -17.52 -1.73 -11.57
N ALA A 76 -17.61 -2.27 -10.36
CA ALA A 76 -16.78 -1.77 -9.27
C ALA A 76 -15.28 -2.04 -9.54
N LEU A 77 -14.97 -3.23 -10.02
CA LEU A 77 -13.59 -3.60 -10.34
C LEU A 77 -13.03 -2.69 -11.43
N GLN A 78 -13.83 -2.40 -12.45
CA GLN A 78 -13.38 -1.57 -13.54
C GLN A 78 -13.06 -0.20 -12.99
N GLU A 79 -13.96 0.31 -12.16
CA GLU A 79 -13.78 1.60 -11.52
C GLU A 79 -12.50 1.68 -10.70
N GLU A 80 -12.32 0.77 -9.75
CA GLU A 80 -11.13 0.85 -8.92
C GLU A 80 -9.85 0.65 -9.74
N LEU A 81 -9.86 -0.28 -10.68
CA LEU A 81 -8.69 -0.49 -11.53
C LEU A 81 -8.29 0.79 -12.28
N SER A 82 -9.28 1.48 -12.84
CA SER A 82 -9.03 2.69 -13.58
C SER A 82 -8.66 3.82 -12.64
N ASP A 83 -9.20 3.81 -11.43
CA ASP A 83 -8.82 4.85 -10.44
C ASP A 83 -7.33 4.72 -10.17
N VAL A 84 -6.87 3.50 -9.94
CA VAL A 84 -5.46 3.28 -9.70
C VAL A 84 -4.63 3.74 -10.89
N LEU A 85 -5.03 3.35 -12.11
CA LEU A 85 -4.27 3.73 -13.30
C LEU A 85 -4.13 5.24 -13.46
N ILE A 86 -5.21 5.97 -13.24
CA ILE A 86 -5.18 7.40 -13.40
C ILE A 86 -4.20 8.07 -12.44
N TYR A 87 -4.25 7.73 -11.15
CA TYR A 87 -3.31 8.35 -10.24
C TYR A 87 -1.86 7.96 -10.60
N LEU A 88 -1.67 6.75 -11.11
CA LEU A 88 -0.35 6.28 -11.47
C LEU A 88 0.19 7.14 -12.62
N VAL A 89 -0.68 7.39 -13.59
CA VAL A 89 -0.35 8.21 -14.74
C VAL A 89 -0.05 9.60 -14.25
N ALA A 90 -0.93 10.14 -13.43
CA ALA A 90 -0.71 11.49 -12.90
C ALA A 90 0.64 11.55 -12.15
N LEU A 91 0.94 10.56 -11.31
CA LEU A 91 2.20 10.57 -10.58
C LEU A 91 3.39 10.55 -11.55
N ALA A 92 3.36 9.65 -12.53
CA ALA A 92 4.45 9.56 -13.49
C ALA A 92 4.65 10.91 -14.18
N ALA A 93 3.57 11.49 -14.69
CA ALA A 93 3.68 12.78 -15.35
C ALA A 93 4.31 13.82 -14.41
N ARG A 94 3.79 13.92 -13.19
CA ARG A 94 4.32 14.92 -12.24
C ARG A 94 5.83 14.72 -11.99
N CYS A 95 6.27 13.48 -12.13
CA CYS A 95 7.66 13.14 -11.93
C CYS A 95 8.44 13.24 -13.23
N HIS A 96 7.79 13.60 -14.32
CA HIS A 96 8.43 13.68 -15.62
C HIS A 96 9.04 12.35 -16.02
N VAL A 97 8.27 11.29 -15.78
CA VAL A 97 8.71 9.97 -16.15
C VAL A 97 7.85 9.57 -17.35
N ASP A 98 8.51 9.13 -18.41
CA ASP A 98 7.80 8.70 -19.61
C ASP A 98 7.43 7.25 -19.35
N LEU A 99 6.29 7.06 -18.69
CA LEU A 99 5.80 5.72 -18.32
C LEU A 99 5.85 4.67 -19.43
N PRO A 100 5.27 4.96 -20.61
CA PRO A 100 5.30 3.98 -21.72
C PRO A 100 6.72 3.49 -22.02
N GLN A 101 7.65 4.43 -22.13
CA GLN A 101 9.03 4.05 -22.43
C GLN A 101 9.75 3.39 -21.26
N ALA A 102 9.46 3.83 -20.03
CA ALA A 102 10.11 3.22 -18.87
C ALA A 102 9.74 1.75 -18.87
N VAL A 103 8.55 1.46 -19.37
CA VAL A 103 8.08 0.08 -19.43
C VAL A 103 8.84 -0.79 -20.40
N ILE A 104 8.91 -0.38 -21.66
CA ILE A 104 9.64 -1.20 -22.63
C ILE A 104 11.12 -1.26 -22.26
N SER A 105 11.68 -0.15 -21.79
CA SER A 105 13.09 -0.15 -21.43
C SER A 105 13.29 -1.03 -20.21
N LYS A 106 12.20 -1.53 -19.66
CA LYS A 106 12.27 -2.40 -18.50
C LYS A 106 12.21 -3.84 -18.95
N MET A 107 12.54 -4.09 -20.21
CA MET A 107 12.51 -5.43 -20.74
C MET A 107 13.51 -5.58 -21.89
N GLY B 1 13.71 29.82 -22.24
CA GLY B 1 14.84 29.73 -23.21
C GLY B 1 15.10 28.32 -23.67
N PRO B 2 16.17 28.10 -24.46
CA PRO B 2 16.56 26.79 -25.01
C PRO B 2 16.86 25.74 -23.93
N LEU B 3 17.18 26.22 -22.74
CA LEU B 3 17.48 25.34 -21.61
C LEU B 3 16.43 25.51 -20.53
N GLY B 4 15.30 26.10 -20.91
CA GLY B 4 14.21 26.26 -19.97
C GLY B 4 13.34 25.00 -20.04
N SER B 5 12.11 25.08 -19.54
CA SER B 5 11.24 23.91 -19.55
C SER B 5 10.56 23.69 -20.91
N ARG B 6 9.87 22.56 -21.04
CA ARG B 6 9.12 22.20 -22.24
C ARG B 6 8.00 21.31 -21.78
N PRO B 7 6.90 21.26 -22.55
CA PRO B 7 5.75 20.44 -22.18
C PRO B 7 6.08 18.96 -21.99
N PHE B 8 5.63 18.38 -20.88
CA PHE B 8 5.92 16.97 -20.66
C PHE B 8 4.84 16.10 -21.30
N ARG B 9 5.28 15.04 -21.99
CA ARG B 9 4.38 14.13 -22.65
C ARG B 9 4.92 12.70 -22.60
N PHE B 10 4.00 11.73 -22.62
CA PHE B 10 4.39 10.32 -22.63
C PHE B 10 4.62 9.97 -24.11
N SER B 11 5.43 8.96 -24.38
CA SER B 11 5.64 8.53 -25.76
C SER B 11 4.30 7.98 -26.25
N PRO B 12 4.11 7.89 -27.58
CA PRO B 12 2.86 7.38 -28.17
C PRO B 12 2.66 5.89 -28.01
N GLU B 13 3.74 5.18 -27.68
CA GLU B 13 3.67 3.75 -27.49
C GLU B 13 4.82 3.37 -26.57
N PRO B 14 4.77 2.14 -26.01
CA PRO B 14 3.72 1.14 -26.19
C PRO B 14 2.41 1.59 -25.60
N THR B 15 1.33 1.01 -26.12
CA THR B 15 -0.02 1.30 -25.64
C THR B 15 -0.30 0.33 -24.49
N LEU B 16 -1.49 0.42 -23.92
CA LEU B 16 -1.80 -0.47 -22.83
C LEU B 16 -1.95 -1.87 -23.38
N GLU B 17 -2.52 -2.00 -24.57
CA GLU B 17 -2.66 -3.33 -25.19
C GLU B 17 -1.27 -3.90 -25.48
N ASP B 18 -0.37 -3.04 -25.99
CA ASP B 18 1.01 -3.48 -26.26
C ASP B 18 1.68 -4.02 -24.98
N ILE B 19 1.41 -3.35 -23.87
CA ILE B 19 2.00 -3.76 -22.60
C ILE B 19 1.41 -5.10 -22.15
N ARG B 20 0.11 -5.29 -22.34
CA ARG B 20 -0.50 -6.56 -21.95
C ARG B 20 0.20 -7.69 -22.74
N ARG B 21 0.41 -7.47 -24.03
CA ARG B 21 1.04 -8.51 -24.84
C ARG B 21 2.48 -8.81 -24.45
N LEU B 22 3.25 -7.77 -24.21
CA LEU B 22 4.64 -7.94 -23.80
C LEU B 22 4.72 -8.73 -22.51
N HIS B 23 3.88 -8.39 -21.55
CA HIS B 23 3.92 -9.12 -20.30
C HIS B 23 3.44 -10.56 -20.50
N ALA B 24 2.38 -10.74 -21.29
CA ALA B 24 1.86 -12.08 -21.53
C ALA B 24 2.95 -12.96 -22.15
N GLU B 25 3.70 -12.38 -23.06
CA GLU B 25 4.81 -13.09 -23.72
C GLU B 25 5.83 -13.46 -22.65
N PHE B 26 6.18 -12.50 -21.81
CA PHE B 26 7.15 -12.76 -20.77
C PHE B 26 6.71 -13.90 -19.87
N ALA B 27 5.47 -13.86 -19.37
CA ALA B 27 5.02 -14.94 -18.49
C ALA B 27 4.96 -16.25 -19.27
N ALA B 28 4.70 -16.16 -20.55
CA ALA B 28 4.64 -17.36 -21.38
C ALA B 28 6.05 -17.96 -21.46
N GLU B 29 7.02 -17.16 -21.89
CA GLU B 29 8.38 -17.67 -22.01
C GLU B 29 8.86 -18.35 -20.73
N ARG B 30 8.65 -17.70 -19.59
CA ARG B 30 9.10 -18.24 -18.31
C ARG B 30 8.14 -19.14 -17.56
N ASP B 31 6.98 -19.39 -18.17
CA ASP B 31 5.96 -20.23 -17.60
C ASP B 31 5.49 -19.78 -16.20
N TRP B 32 4.86 -18.60 -16.13
CA TRP B 32 4.35 -18.08 -14.87
C TRP B 32 2.83 -17.91 -14.83
N GLU B 33 2.17 -18.22 -15.94
CA GLU B 33 0.71 -18.09 -16.01
C GLU B 33 0.03 -18.81 -14.86
N GLN B 34 0.62 -19.91 -14.44
CA GLN B 34 0.06 -20.68 -13.35
C GLN B 34 0.02 -19.90 -12.03
N PHE B 35 0.99 -18.98 -11.85
CA PHE B 35 1.04 -18.19 -10.63
C PHE B 35 0.32 -16.87 -10.77
N HIS B 36 -0.14 -16.56 -11.98
CA HIS B 36 -0.82 -15.29 -12.22
C HIS B 36 -2.33 -15.21 -12.03
N GLN B 37 -2.79 -15.71 -10.89
CA GLN B 37 -4.19 -15.66 -10.51
C GLN B 37 -4.44 -14.24 -10.00
N PRO B 38 -5.69 -13.76 -10.10
CA PRO B 38 -6.05 -12.40 -9.65
C PRO B 38 -5.50 -11.93 -8.30
N ARG B 39 -5.68 -12.73 -7.24
CA ARG B 39 -5.19 -12.30 -5.94
C ARG B 39 -3.66 -12.22 -5.84
N ASN B 40 -2.98 -13.09 -6.56
CA ASN B 40 -1.50 -13.10 -6.57
C ASN B 40 -1.02 -11.80 -7.21
N LEU B 41 -1.65 -11.44 -8.33
CA LEU B 41 -1.30 -10.22 -9.05
C LEU B 41 -1.61 -8.95 -8.22
N LEU B 42 -2.67 -9.00 -7.43
CA LEU B 42 -3.05 -7.84 -6.62
C LEU B 42 -1.98 -7.62 -5.55
N LEU B 43 -1.64 -8.70 -4.86
CA LEU B 43 -0.64 -8.65 -3.79
C LEU B 43 0.72 -8.31 -4.35
N ALA B 44 1.00 -8.76 -5.56
CA ALA B 44 2.27 -8.45 -6.21
C ALA B 44 2.26 -6.94 -6.49
N LEU B 45 1.13 -6.43 -6.97
CA LEU B 45 1.00 -5.00 -7.23
C LEU B 45 1.22 -4.23 -5.92
N VAL B 46 0.60 -4.70 -4.84
CA VAL B 46 0.77 -4.06 -3.55
C VAL B 46 2.27 -4.02 -3.19
N GLY B 47 2.99 -5.09 -3.53
CA GLY B 47 4.42 -5.12 -3.23
C GLY B 47 5.20 -4.02 -3.96
N GLU B 48 4.90 -3.82 -5.24
CA GLU B 48 5.59 -2.82 -6.02
C GLU B 48 5.18 -1.42 -5.56
N VAL B 49 3.94 -1.27 -5.08
CA VAL B 49 3.51 0.03 -4.60
C VAL B 49 4.37 0.32 -3.38
N GLY B 50 4.74 -0.73 -2.65
CA GLY B 50 5.60 -0.56 -1.50
C GLY B 50 6.98 -0.09 -1.94
N GLU B 51 7.52 -0.71 -2.98
CA GLU B 51 8.85 -0.32 -3.47
C GLU B 51 8.86 1.17 -3.85
N LEU B 52 7.78 1.57 -4.52
CA LEU B 52 7.62 2.94 -4.97
C LEU B 52 7.55 3.86 -3.77
N ALA B 53 6.75 3.50 -2.77
CA ALA B 53 6.61 4.33 -1.58
C ALA B 53 7.97 4.54 -0.92
N GLU B 54 8.80 3.49 -0.90
CA GLU B 54 10.11 3.62 -0.26
C GLU B 54 10.94 4.73 -0.87
N LEU B 55 10.92 4.89 -2.19
CA LEU B 55 11.70 5.94 -2.83
C LEU B 55 11.34 7.33 -2.31
N PHE B 56 10.09 7.53 -1.90
CA PHE B 56 9.63 8.82 -1.42
C PHE B 56 9.54 8.98 0.09
N GLN B 57 9.64 7.86 0.82
CA GLN B 57 9.42 7.94 2.26
C GLN B 57 10.12 9.02 3.05
N TRP B 58 11.41 9.23 2.83
CA TRP B 58 12.11 10.27 3.59
C TRP B 58 12.28 11.57 2.79
N LYS B 59 11.56 11.72 1.69
CA LYS B 59 11.68 12.90 0.82
C LYS B 59 10.52 13.87 0.99
N SER B 60 10.79 15.12 1.30
CA SER B 60 9.70 16.06 1.43
C SER B 60 9.27 16.50 0.02
N ASP B 61 8.06 17.02 -0.11
CA ASP B 61 7.56 17.46 -1.41
C ASP B 61 7.89 18.92 -1.67
N THR B 62 8.53 19.56 -0.69
CA THR B 62 8.96 20.95 -0.82
C THR B 62 10.48 20.87 -0.87
N GLU B 63 10.97 19.80 -1.49
CA GLU B 63 12.39 19.54 -1.63
C GLU B 63 12.79 19.62 -3.10
N PRO B 64 14.02 19.18 -3.45
CA PRO B 64 14.40 19.26 -4.86
C PRO B 64 13.28 18.80 -5.79
N GLY B 65 12.81 17.56 -5.61
CA GLY B 65 11.75 17.05 -6.46
C GLY B 65 12.25 15.95 -7.38
N PRO B 66 11.40 15.00 -7.80
CA PRO B 66 11.81 13.89 -8.67
C PRO B 66 12.46 14.28 -10.00
N GLN B 67 11.91 15.27 -10.69
CA GLN B 67 12.48 15.67 -11.98
C GLN B 67 13.86 16.28 -11.79
N ALA B 68 14.33 16.26 -10.55
CA ALA B 68 15.63 16.82 -10.21
C ALA B 68 16.45 15.86 -9.38
N TRP B 69 15.93 14.67 -9.11
CA TRP B 69 16.69 13.71 -8.31
C TRP B 69 17.96 13.26 -9.03
N PRO B 70 18.85 12.56 -8.32
CA PRO B 70 20.10 12.07 -8.90
C PRO B 70 19.70 11.02 -9.95
N PRO B 71 20.40 10.98 -11.10
CA PRO B 71 20.05 9.99 -12.12
C PRO B 71 19.79 8.56 -11.60
N LYS B 72 20.58 8.12 -10.64
CA LYS B 72 20.42 6.79 -10.09
C LYS B 72 19.07 6.64 -9.38
N GLU B 73 18.61 7.71 -8.75
CA GLU B 73 17.32 7.63 -8.07
C GLU B 73 16.22 7.73 -9.11
N ARG B 74 16.39 8.61 -10.09
CA ARG B 74 15.40 8.76 -11.15
C ARG B 74 15.25 7.46 -11.91
N ALA B 75 16.33 6.67 -11.94
CA ALA B 75 16.32 5.38 -12.62
C ALA B 75 15.50 4.40 -11.79
N ALA B 76 15.68 4.43 -10.47
CA ALA B 76 14.95 3.52 -9.60
C ALA B 76 13.45 3.85 -9.69
N LEU B 77 13.14 5.15 -9.74
CA LEU B 77 11.78 5.65 -9.83
C LEU B 77 11.09 5.10 -11.09
N GLN B 78 11.79 5.22 -12.22
CA GLN B 78 11.29 4.73 -13.51
C GLN B 78 10.98 3.24 -13.42
N GLU B 79 11.88 2.50 -12.79
CA GLU B 79 11.70 1.07 -12.64
C GLU B 79 10.45 0.73 -11.80
N GLU B 80 10.31 1.37 -10.64
CA GLU B 80 9.19 1.10 -9.75
C GLU B 80 7.87 1.58 -10.34
N LEU B 81 7.84 2.72 -11.02
CA LEU B 81 6.59 3.15 -11.63
C LEU B 81 6.17 2.12 -12.68
N SER B 82 7.15 1.58 -13.42
CA SER B 82 6.92 0.57 -14.45
C SER B 82 6.40 -0.72 -13.82
N ASP B 83 7.03 -1.14 -12.71
CA ASP B 83 6.59 -2.37 -12.06
C ASP B 83 5.13 -2.27 -11.65
N VAL B 84 4.73 -1.14 -11.08
CA VAL B 84 3.34 -0.98 -10.68
C VAL B 84 2.42 -1.06 -11.91
N LEU B 85 2.81 -0.43 -13.02
CA LEU B 85 1.96 -0.45 -14.22
C LEU B 85 1.83 -1.83 -14.82
N ILE B 86 2.93 -2.57 -14.83
CA ILE B 86 2.92 -3.90 -15.40
C ILE B 86 1.95 -4.80 -14.64
N TYR B 87 2.07 -4.86 -13.32
CA TYR B 87 1.16 -5.70 -12.56
C TYR B 87 -0.27 -5.23 -12.65
N LEU B 88 -0.47 -3.92 -12.77
CA LEU B 88 -1.81 -3.37 -12.90
C LEU B 88 -2.41 -3.89 -14.22
N VAL B 89 -1.63 -3.82 -15.28
CA VAL B 89 -2.05 -4.31 -16.60
C VAL B 89 -2.37 -5.79 -16.48
N ALA B 90 -1.44 -6.55 -15.91
CA ALA B 90 -1.62 -7.99 -15.72
C ALA B 90 -2.88 -8.35 -14.91
N LEU B 91 -3.13 -7.62 -13.82
CA LEU B 91 -4.30 -7.88 -12.99
C LEU B 91 -5.57 -7.64 -13.77
N ALA B 92 -5.61 -6.51 -14.46
CA ALA B 92 -6.77 -6.13 -15.26
C ALA B 92 -7.04 -7.23 -16.31
N ALA B 93 -6.05 -7.50 -17.15
CA ALA B 93 -6.18 -8.53 -18.20
C ALA B 93 -6.69 -9.86 -17.60
N ARG B 94 -6.01 -10.34 -16.57
CA ARG B 94 -6.39 -11.56 -15.92
C ARG B 94 -7.85 -11.51 -15.45
N CYS B 95 -8.39 -10.32 -15.26
CA CYS B 95 -9.77 -10.19 -14.79
C CYS B 95 -10.66 -9.91 -15.97
N HIS B 96 -10.07 -9.89 -17.16
CA HIS B 96 -10.85 -9.57 -18.37
C HIS B 96 -11.46 -8.19 -18.29
N VAL B 97 -10.73 -7.23 -17.71
CA VAL B 97 -11.23 -5.87 -17.67
C VAL B 97 -10.45 -5.12 -18.75
N ASP B 98 -11.18 -4.49 -19.65
CA ASP B 98 -10.61 -3.69 -20.72
C ASP B 98 -10.20 -2.39 -20.02
N LEU B 99 -8.96 -2.35 -19.55
CA LEU B 99 -8.47 -1.21 -18.80
C LEU B 99 -8.64 0.17 -19.44
N PRO B 100 -8.22 0.34 -20.71
CA PRO B 100 -8.35 1.62 -21.39
C PRO B 100 -9.80 2.09 -21.42
N GLN B 101 -10.69 1.18 -21.78
CA GLN B 101 -12.12 1.50 -21.87
C GLN B 101 -12.70 1.87 -20.52
N ALA B 102 -12.24 1.19 -19.47
CA ALA B 102 -12.72 1.51 -18.12
C ALA B 102 -12.39 2.97 -17.82
N VAL B 103 -11.29 3.48 -18.36
CA VAL B 103 -10.93 4.88 -18.12
C VAL B 103 -11.92 5.81 -18.81
N ILE B 104 -12.24 5.49 -20.06
CA ILE B 104 -13.18 6.28 -20.82
C ILE B 104 -14.54 6.28 -20.15
N SER B 105 -14.99 5.08 -19.78
CA SER B 105 -16.27 4.96 -19.12
C SER B 105 -16.26 5.82 -17.89
N LYS B 106 -15.12 5.87 -17.19
CA LYS B 106 -15.05 6.70 -16.00
C LYS B 106 -15.23 8.17 -16.33
N MET B 107 -14.51 8.65 -17.33
CA MET B 107 -14.56 10.06 -17.74
C MET B 107 -15.94 10.52 -18.20
N ASP B 108 -16.78 9.58 -18.61
CA ASP B 108 -18.13 9.89 -19.07
C ASP B 108 -19.02 10.36 -17.93
N THR B 109 -18.47 10.40 -16.73
CA THR B 109 -19.20 10.84 -15.56
C THR B 109 -18.23 11.20 -14.44
N GLY C 1 -3.19 -35.42 20.92
CA GLY C 1 -2.45 -36.02 22.06
C GLY C 1 -1.23 -35.20 22.47
N PRO C 2 -0.21 -35.84 23.07
CA PRO C 2 1.02 -35.16 23.50
C PRO C 2 1.90 -34.76 22.31
N LEU C 3 1.27 -34.26 21.24
CA LEU C 3 2.01 -33.85 20.04
C LEU C 3 1.62 -32.44 19.61
N GLY C 4 1.56 -32.21 18.30
CA GLY C 4 1.21 -30.90 17.76
C GLY C 4 0.12 -30.17 18.53
N SER C 5 0.50 -29.67 19.71
CA SER C 5 -0.42 -28.97 20.59
C SER C 5 0.22 -27.71 21.17
N ARG C 6 -0.31 -26.57 20.77
CA ARG C 6 0.21 -25.31 21.23
C ARG C 6 -0.78 -24.19 20.96
N PRO C 7 -1.62 -23.87 21.95
CA PRO C 7 -2.61 -22.81 21.80
C PRO C 7 -1.80 -21.53 21.62
N PHE C 8 -1.52 -21.18 20.38
CA PHE C 8 -0.70 -20.01 20.11
C PHE C 8 -1.16 -18.78 20.89
N ARG C 9 -0.20 -18.06 21.43
CA ARG C 9 -0.47 -16.85 22.19
C ARG C 9 0.63 -15.84 21.91
N PHE C 10 0.38 -14.60 22.29
CA PHE C 10 1.38 -13.55 22.14
C PHE C 10 2.01 -13.47 23.52
N SER C 11 3.29 -13.11 23.59
CA SER C 11 3.95 -12.96 24.88
C SER C 11 3.31 -11.72 25.52
N PRO C 12 3.29 -11.65 26.86
CA PRO C 12 2.69 -10.49 27.53
C PRO C 12 3.42 -9.17 27.31
N GLU C 13 4.65 -9.24 26.81
CA GLU C 13 5.44 -8.04 26.55
C GLU C 13 6.47 -8.34 25.48
N PRO C 14 7.00 -7.32 24.79
CA PRO C 14 6.74 -5.88 24.91
C PRO C 14 5.28 -5.51 24.70
N THR C 15 4.87 -4.42 25.33
CA THR C 15 3.52 -3.89 25.18
C THR C 15 3.63 -2.85 24.08
N LEU C 16 2.50 -2.39 23.55
CA LEU C 16 2.55 -1.35 22.50
C LEU C 16 3.33 -0.14 23.03
N GLU C 17 3.12 0.23 24.28
CA GLU C 17 3.82 1.38 24.89
C GLU C 17 5.31 1.08 24.99
N ASP C 18 5.65 -0.16 25.34
CA ASP C 18 7.05 -0.54 25.42
C ASP C 18 7.66 -0.45 24.03
N ILE C 19 6.90 -0.87 23.04
CA ILE C 19 7.38 -0.79 21.66
C ILE C 19 7.56 0.68 21.24
N ARG C 20 6.64 1.55 21.66
CA ARG C 20 6.74 2.96 21.31
C ARG C 20 8.04 3.55 21.86
N ARG C 21 8.13 3.54 23.19
CA ARG C 21 9.28 4.07 23.92
C ARG C 21 10.55 3.41 23.41
N LEU C 22 10.46 2.13 23.09
CA LEU C 22 11.60 1.40 22.59
C LEU C 22 12.07 2.03 21.29
N HIS C 23 11.14 2.24 20.37
CA HIS C 23 11.44 2.82 19.07
C HIS C 23 11.77 4.29 19.18
N ALA C 24 11.15 4.98 20.12
CA ALA C 24 11.42 6.41 20.31
C ALA C 24 12.88 6.60 20.73
N GLU C 25 13.33 5.74 21.63
CA GLU C 25 14.70 5.78 22.13
C GLU C 25 15.67 5.51 21.00
N PHE C 26 15.43 4.43 20.28
CA PHE C 26 16.28 4.01 19.17
C PHE C 26 16.47 5.17 18.17
N ALA C 27 15.42 5.96 17.96
CA ALA C 27 15.50 7.09 17.04
C ALA C 27 16.19 8.30 17.64
N ALA C 28 15.69 8.77 18.78
CA ALA C 28 16.27 9.94 19.45
C ALA C 28 17.77 9.77 19.62
N GLU C 29 18.19 8.53 19.85
CA GLU C 29 19.60 8.23 20.05
C GLU C 29 20.42 8.42 18.76
N ARG C 30 19.75 8.38 17.62
CA ARG C 30 20.43 8.54 16.32
C ARG C 30 20.03 9.82 15.61
N ASP C 31 19.25 10.65 16.31
CA ASP C 31 18.77 11.90 15.72
C ASP C 31 17.92 11.60 14.48
N TRP C 32 16.98 10.66 14.61
CA TRP C 32 16.11 10.29 13.50
C TRP C 32 14.77 11.03 13.53
N GLU C 33 14.50 11.69 14.65
CA GLU C 33 13.25 12.43 14.82
C GLU C 33 12.93 13.28 13.61
N GLN C 34 13.95 13.89 13.01
CA GLN C 34 13.72 14.74 11.85
C GLN C 34 12.96 14.02 10.74
N PHE C 35 13.19 12.71 10.61
CA PHE C 35 12.53 11.91 9.58
C PHE C 35 11.17 11.44 10.00
N HIS C 36 10.91 11.48 11.30
CA HIS C 36 9.65 10.97 11.80
C HIS C 36 8.45 11.87 11.70
N GLN C 37 8.20 12.38 10.50
CA GLN C 37 7.03 13.21 10.27
C GLN C 37 5.95 12.22 9.81
N PRO C 38 4.68 12.56 10.06
CA PRO C 38 3.54 11.72 9.69
C PRO C 38 3.51 11.11 8.30
N ARG C 39 3.61 11.93 7.24
CA ARG C 39 3.56 11.40 5.88
C ARG C 39 4.74 10.50 5.58
N ASN C 40 5.87 10.81 6.19
CA ASN C 40 7.09 10.01 6.05
C ASN C 40 6.85 8.64 6.66
N LEU C 41 6.38 8.63 7.91
CA LEU C 41 6.14 7.37 8.58
C LEU C 41 5.01 6.62 7.88
N LEU C 42 4.03 7.35 7.36
CA LEU C 42 2.92 6.71 6.64
C LEU C 42 3.47 5.99 5.40
N LEU C 43 4.30 6.69 4.62
CA LEU C 43 4.88 6.07 3.43
C LEU C 43 5.83 4.93 3.79
N ALA C 44 6.50 5.02 4.93
CA ALA C 44 7.40 3.96 5.38
C ALA C 44 6.55 2.72 5.67
N LEU C 45 5.44 2.92 6.36
CA LEU C 45 4.53 1.83 6.67
C LEU C 45 4.05 1.16 5.38
N VAL C 46 3.65 1.96 4.40
CA VAL C 46 3.20 1.41 3.12
C VAL C 46 4.35 0.57 2.52
N GLY C 47 5.58 1.05 2.67
CA GLY C 47 6.69 0.30 2.12
C GLY C 47 6.79 -1.07 2.77
N GLU C 48 6.64 -1.12 4.09
CA GLU C 48 6.72 -2.37 4.83
C GLU C 48 5.50 -3.26 4.55
N VAL C 49 4.34 -2.64 4.34
CA VAL C 49 3.18 -3.45 3.99
C VAL C 49 3.46 -4.14 2.65
N GLY C 50 4.20 -3.45 1.77
CA GLY C 50 4.52 -4.04 0.48
C GLY C 50 5.46 -5.24 0.65
N GLU C 51 6.45 -5.09 1.54
CA GLU C 51 7.39 -6.20 1.79
C GLU C 51 6.61 -7.42 2.29
N LEU C 52 5.64 -7.20 3.18
CA LEU C 52 4.83 -8.28 3.73
C LEU C 52 3.98 -8.99 2.68
N ALA C 53 3.37 -8.22 1.78
CA ALA C 53 2.54 -8.78 0.72
C ALA C 53 3.39 -9.68 -0.16
N GLU C 54 4.65 -9.29 -0.34
CA GLU C 54 5.55 -10.08 -1.19
C GLU C 54 5.70 -11.53 -0.72
N LEU C 55 5.60 -11.77 0.58
CA LEU C 55 5.73 -13.12 1.11
C LEU C 55 4.50 -13.97 0.81
N PHE C 56 3.38 -13.30 0.58
CA PHE C 56 2.13 -14.00 0.34
C PHE C 56 1.72 -14.00 -1.12
N GLN C 57 2.36 -13.16 -1.91
CA GLN C 57 1.98 -12.98 -3.32
C GLN C 57 1.77 -14.22 -4.17
N TRP C 58 2.70 -15.17 -4.14
CA TRP C 58 2.56 -16.39 -4.93
C TRP C 58 2.09 -17.57 -4.10
N LYS C 59 1.69 -17.30 -2.85
CA LYS C 59 1.20 -18.34 -1.94
C LYS C 59 -0.29 -18.58 -2.15
N SER C 60 -0.67 -19.81 -2.46
CA SER C 60 -2.09 -20.09 -2.70
C SER C 60 -2.91 -20.19 -1.43
N ASP C 61 -4.21 -19.99 -1.60
CA ASP C 61 -5.16 -20.04 -0.51
C ASP C 61 -5.38 -21.45 0.04
N THR C 62 -5.26 -22.45 -0.84
CA THR C 62 -5.46 -23.84 -0.45
C THR C 62 -4.22 -24.47 0.19
N GLU C 63 -3.06 -23.82 -0.01
CA GLU C 63 -1.80 -24.30 0.54
C GLU C 63 -1.89 -24.57 2.05
N PRO C 64 -0.83 -25.14 2.65
CA PRO C 64 -0.82 -25.44 4.09
C PRO C 64 -1.21 -24.28 5.01
N GLY C 65 -0.40 -23.24 5.02
CA GLY C 65 -0.65 -22.08 5.86
C GLY C 65 0.69 -21.51 6.28
N PRO C 66 0.77 -20.22 6.65
CA PRO C 66 2.05 -19.63 7.07
C PRO C 66 2.66 -20.45 8.20
N GLN C 67 1.78 -21.03 9.00
CA GLN C 67 2.17 -21.83 10.14
C GLN C 67 3.14 -22.94 9.72
N ALA C 68 2.93 -23.49 8.53
CA ALA C 68 3.76 -24.57 8.03
C ALA C 68 4.86 -24.16 7.07
N TRP C 69 5.07 -22.86 6.91
CA TRP C 69 6.10 -22.36 6.00
C TRP C 69 7.51 -22.75 6.42
N PRO C 70 8.41 -22.94 5.45
CA PRO C 70 9.78 -23.30 5.82
C PRO C 70 10.29 -22.26 6.81
N PRO C 71 11.36 -22.58 7.55
CA PRO C 71 11.94 -21.66 8.54
C PRO C 71 12.44 -20.31 8.03
N LYS C 72 13.09 -20.30 6.86
CA LYS C 72 13.58 -19.04 6.31
C LYS C 72 12.45 -18.07 6.00
N GLU C 73 11.32 -18.60 5.49
CA GLU C 73 10.17 -17.76 5.15
C GLU C 73 9.45 -17.30 6.41
N ARG C 74 9.46 -18.16 7.42
CA ARG C 74 8.81 -17.88 8.69
C ARG C 74 9.55 -16.74 9.37
N ALA C 75 10.87 -16.70 9.19
CA ALA C 75 11.71 -15.65 9.77
C ALA C 75 11.46 -14.31 9.07
N ALA C 76 11.36 -14.35 7.74
CA ALA C 76 11.09 -13.14 6.97
C ALA C 76 9.73 -12.61 7.41
N LEU C 77 8.75 -13.52 7.54
CA LEU C 77 7.41 -13.15 7.95
C LEU C 77 7.42 -12.44 9.32
N GLN C 78 8.18 -12.99 10.26
CA GLN C 78 8.30 -12.38 11.59
C GLN C 78 8.77 -10.95 11.48
N GLU C 79 9.82 -10.77 10.69
CA GLU C 79 10.44 -9.48 10.50
C GLU C 79 9.51 -8.47 9.87
N GLU C 80 8.87 -8.86 8.76
CA GLU C 80 7.99 -7.92 8.08
C GLU C 80 6.77 -7.58 8.94
N LEU C 81 6.18 -8.57 9.60
CA LEU C 81 5.03 -8.28 10.45
C LEU C 81 5.41 -7.25 11.50
N SER C 82 6.54 -7.44 12.14
CA SER C 82 6.97 -6.53 13.17
C SER C 82 7.47 -5.19 12.59
N ASP C 83 7.94 -5.19 11.34
CA ASP C 83 8.37 -3.92 10.70
C ASP C 83 7.12 -3.04 10.53
N VAL C 84 6.05 -3.64 10.01
CA VAL C 84 4.80 -2.91 9.83
C VAL C 84 4.30 -2.42 11.19
N LEU C 85 4.42 -3.25 12.23
CA LEU C 85 3.94 -2.83 13.54
C LEU C 85 4.73 -1.66 14.09
N ILE C 86 6.05 -1.73 13.99
CA ILE C 86 6.86 -0.63 14.51
C ILE C 86 6.47 0.71 13.86
N TYR C 87 6.35 0.76 12.55
CA TYR C 87 5.98 2.02 11.90
C TYR C 87 4.57 2.46 12.26
N LEU C 88 3.64 1.51 12.45
CA LEU C 88 2.29 1.88 12.80
C LEU C 88 2.31 2.55 14.19
N VAL C 89 3.16 2.04 15.06
CA VAL C 89 3.28 2.61 16.38
C VAL C 89 3.95 3.99 16.28
N ALA C 90 5.00 4.08 15.48
CA ALA C 90 5.68 5.37 15.34
C ALA C 90 4.69 6.42 14.79
N LEU C 91 3.91 6.02 13.80
CA LEU C 91 2.97 6.95 13.20
C LEU C 91 1.91 7.41 14.19
N ALA C 92 1.33 6.47 14.95
CA ALA C 92 0.30 6.86 15.91
C ALA C 92 0.88 7.78 17.00
N ALA C 93 2.08 7.45 17.48
CA ALA C 93 2.73 8.27 18.51
C ALA C 93 3.00 9.67 17.97
N ARG C 94 3.49 9.77 16.73
CA ARG C 94 3.77 11.07 16.14
C ARG C 94 2.48 11.89 16.00
N CYS C 95 1.35 11.22 15.82
CA CYS C 95 0.07 11.90 15.67
C CYS C 95 -0.58 12.07 17.05
N HIS C 96 0.15 11.67 18.08
CA HIS C 96 -0.35 11.71 19.45
C HIS C 96 -1.65 10.95 19.60
N VAL C 97 -1.74 9.80 18.97
CA VAL C 97 -2.91 8.95 19.08
C VAL C 97 -2.54 7.80 20.01
N ASP C 98 -3.36 7.61 21.04
CA ASP C 98 -3.13 6.54 22.02
C ASP C 98 -3.67 5.27 21.40
N LEU C 99 -2.82 4.61 20.63
CA LEU C 99 -3.22 3.43 19.89
C LEU C 99 -3.97 2.36 20.68
N PRO C 100 -3.42 1.89 21.82
CA PRO C 100 -4.12 0.86 22.60
C PRO C 100 -5.55 1.27 22.93
N GLN C 101 -5.72 2.50 23.43
CA GLN C 101 -7.05 2.95 23.75
C GLN C 101 -7.96 3.08 22.54
N ALA C 102 -7.41 3.50 21.40
CA ALA C 102 -8.27 3.63 20.22
C ALA C 102 -8.79 2.27 19.77
N VAL C 103 -8.06 1.21 20.10
CA VAL C 103 -8.55 -0.10 19.66
C VAL C 103 -9.68 -0.66 20.52
N ILE C 104 -9.64 -0.46 21.84
CA ILE C 104 -10.74 -0.94 22.65
C ILE C 104 -11.94 -0.06 22.35
N SER C 105 -11.67 1.21 22.05
CA SER C 105 -12.70 2.17 21.72
C SER C 105 -13.35 1.73 20.41
N LYS C 106 -12.50 1.34 19.46
CA LYS C 106 -12.99 0.87 18.17
C LYS C 106 -13.78 -0.41 18.44
N GLY D 1 6.20 24.81 32.09
CA GLY D 1 5.10 25.21 33.00
C GLY D 1 3.90 24.28 32.93
N PRO D 2 2.86 24.55 33.72
CA PRO D 2 1.67 23.70 33.72
C PRO D 2 0.86 23.66 32.42
N LEU D 3 1.07 24.63 31.54
CA LEU D 3 0.31 24.67 30.29
C LEU D 3 1.04 24.27 29.00
N GLY D 4 1.84 23.22 29.02
CA GLY D 4 2.47 22.86 27.78
C GLY D 4 3.59 21.85 27.78
N SER D 5 3.54 20.96 26.79
CA SER D 5 4.53 19.93 26.55
C SER D 5 4.62 18.71 27.46
N ARG D 6 3.48 18.14 27.88
CA ARG D 6 3.59 16.93 28.67
C ARG D 6 4.07 15.89 27.64
N PRO D 7 4.76 14.83 28.07
CA PRO D 7 5.21 13.88 27.04
C PRO D 7 4.05 13.02 26.59
N PHE D 8 4.06 12.61 25.32
CA PHE D 8 3.01 11.75 24.82
C PHE D 8 3.29 10.30 25.13
N ARG D 9 2.28 9.56 25.54
CA ARG D 9 2.45 8.15 25.86
C ARG D 9 1.19 7.35 25.57
N PHE D 10 1.34 6.04 25.36
CA PHE D 10 0.22 5.14 25.11
C PHE D 10 -0.30 4.66 26.48
N SER D 11 -1.54 4.18 26.51
CA SER D 11 -2.08 3.63 27.75
C SER D 11 -1.35 2.28 27.86
N PRO D 12 -1.33 1.66 29.05
CA PRO D 12 -0.65 0.37 29.23
C PRO D 12 -1.46 -0.84 28.74
N GLU D 13 -2.75 -0.65 28.49
CA GLU D 13 -3.61 -1.73 28.04
C GLU D 13 -4.64 -1.14 27.08
N PRO D 14 -5.22 -1.96 26.20
CA PRO D 14 -4.98 -3.39 26.07
C PRO D 14 -3.61 -3.68 25.45
N THR D 15 -3.07 -4.86 25.72
CA THR D 15 -1.77 -5.26 25.17
C THR D 15 -2.00 -6.02 23.86
N LEU D 16 -0.92 -6.32 23.14
CA LEU D 16 -1.08 -7.04 21.90
C LEU D 16 -1.82 -8.36 22.13
N GLU D 17 -1.55 -9.00 23.25
CA GLU D 17 -2.21 -10.26 23.60
C GLU D 17 -3.71 -10.00 23.85
N ASP D 18 -4.01 -8.94 24.61
CA ASP D 18 -5.40 -8.59 24.89
C ASP D 18 -6.15 -8.31 23.59
N ILE D 19 -5.52 -7.53 22.72
CA ILE D 19 -6.14 -7.18 21.44
C ILE D 19 -6.49 -8.41 20.62
N ARG D 20 -5.64 -9.43 20.65
CA ARG D 20 -5.93 -10.64 19.87
C ARG D 20 -7.10 -11.40 20.49
N ARG D 21 -7.09 -11.52 21.81
CA ARG D 21 -8.16 -12.21 22.54
C ARG D 21 -9.50 -11.51 22.31
N LEU D 22 -9.45 -10.21 22.03
CA LEU D 22 -10.67 -9.44 21.79
C LEU D 22 -11.17 -9.65 20.37
N HIS D 23 -10.24 -9.83 19.44
CA HIS D 23 -10.60 -10.02 18.05
C HIS D 23 -11.35 -11.32 17.83
N ALA D 24 -10.81 -12.40 18.40
CA ALA D 24 -11.42 -13.72 18.27
C ALA D 24 -12.78 -13.79 18.96
N GLU D 25 -13.00 -12.90 19.90
CA GLU D 25 -14.25 -12.87 20.64
C GLU D 25 -15.37 -12.20 19.84
N PHE D 26 -14.99 -11.46 18.80
CA PHE D 26 -15.97 -10.76 17.96
C PHE D 26 -16.52 -11.68 16.87
N GLN D 34 -13.28 -19.84 8.52
CA GLN D 34 -14.11 -18.86 7.82
C GLN D 34 -13.30 -17.86 6.98
N PHE D 35 -13.57 -16.57 7.17
CA PHE D 35 -12.88 -15.50 6.43
C PHE D 35 -11.65 -14.94 7.13
N HIS D 36 -11.06 -15.71 8.05
CA HIS D 36 -9.86 -15.30 8.74
C HIS D 36 -8.68 -16.08 8.18
N GLN D 37 -8.63 -16.18 6.87
CA GLN D 37 -7.55 -16.87 6.18
C GLN D 37 -6.50 -15.78 6.00
N PRO D 38 -5.22 -16.14 6.13
CA PRO D 38 -4.11 -15.18 6.01
C PRO D 38 -4.21 -14.15 4.88
N ARG D 39 -4.43 -14.61 3.66
CA ARG D 39 -4.50 -13.67 2.57
C ARG D 39 -5.67 -12.72 2.67
N ASN D 40 -6.78 -13.19 3.24
CA ASN D 40 -7.97 -12.36 3.42
C ASN D 40 -7.66 -11.25 4.43
N LEU D 41 -6.98 -11.61 5.53
CA LEU D 41 -6.62 -10.63 6.56
C LEU D 41 -5.56 -9.68 5.99
N LEU D 42 -4.64 -10.18 5.19
CA LEU D 42 -3.62 -9.34 4.57
C LEU D 42 -4.28 -8.32 3.62
N LEU D 43 -5.22 -8.78 2.81
CA LEU D 43 -5.89 -7.88 1.88
C LEU D 43 -6.71 -6.86 2.65
N ALA D 44 -7.36 -7.29 3.73
CA ALA D 44 -8.16 -6.38 4.54
C ALA D 44 -7.28 -5.29 5.16
N LEU D 45 -6.06 -5.66 5.53
CA LEU D 45 -5.09 -4.73 6.11
C LEU D 45 -4.71 -3.68 5.08
N VAL D 46 -4.44 -4.15 3.86
CA VAL D 46 -4.09 -3.27 2.76
C VAL D 46 -5.23 -2.28 2.54
N GLY D 47 -6.48 -2.75 2.60
CA GLY D 47 -7.61 -1.85 2.44
C GLY D 47 -7.65 -0.77 3.54
N GLU D 48 -7.37 -1.16 4.78
CA GLU D 48 -7.37 -0.16 5.87
C GLU D 48 -6.18 0.77 5.72
N VAL D 49 -5.04 0.25 5.24
CA VAL D 49 -3.88 1.12 5.08
C VAL D 49 -4.27 2.18 4.03
N GLY D 50 -5.09 1.76 3.07
CA GLY D 50 -5.55 2.69 2.05
C GLY D 50 -6.43 3.76 2.63
N GLU D 51 -7.30 3.37 3.57
CA GLU D 51 -8.17 4.34 4.22
C GLU D 51 -7.31 5.36 4.96
N LEU D 52 -6.30 4.86 5.67
CA LEU D 52 -5.39 5.71 6.44
C LEU D 52 -4.72 6.69 5.50
N ALA D 53 -4.21 6.19 4.38
CA ALA D 53 -3.55 7.05 3.40
C ALA D 53 -4.49 8.15 2.88
N GLU D 54 -5.77 7.83 2.74
CA GLU D 54 -6.73 8.82 2.21
C GLU D 54 -6.79 10.05 3.08
N LEU D 55 -6.57 9.87 4.38
CA LEU D 55 -6.60 10.98 5.33
C LEU D 55 -5.42 11.94 5.20
N PHE D 56 -4.34 11.49 4.58
CA PHE D 56 -3.17 12.35 4.45
C PHE D 56 -2.85 12.81 3.04
N GLN D 57 -3.49 12.19 2.04
CA GLN D 57 -3.19 12.46 0.65
C GLN D 57 -3.07 13.93 0.26
N TRP D 58 -4.00 14.78 0.69
CA TRP D 58 -3.91 16.19 0.35
C TRP D 58 -3.35 17.04 1.52
N LYS D 59 -2.85 16.38 2.57
CA LYS D 59 -2.28 17.07 3.73
C LYS D 59 -0.79 17.28 3.54
N SER D 60 -0.40 18.32 2.82
CA SER D 60 1.01 18.57 2.61
C SER D 60 1.60 19.50 3.66
N ASP D 61 2.88 19.83 3.46
CA ASP D 61 3.65 20.70 4.34
C ASP D 61 2.99 22.03 4.71
N THR D 62 2.33 22.64 3.73
CA THR D 62 1.68 23.93 3.94
C THR D 62 0.50 23.89 4.91
N GLU D 63 0.22 22.73 5.49
CA GLU D 63 -0.90 22.59 6.41
C GLU D 63 -0.54 22.10 7.80
N PRO D 64 -1.48 22.25 8.77
CA PRO D 64 -1.25 21.83 10.15
C PRO D 64 -1.22 20.30 10.28
N GLY D 65 -0.35 19.82 11.16
CA GLY D 65 -0.18 18.39 11.38
C GLY D 65 -1.31 17.72 12.13
N PRO D 66 -1.25 16.40 12.27
CA PRO D 66 -2.31 15.67 12.99
C PRO D 66 -2.60 16.00 14.45
N GLN D 67 -1.62 16.44 15.23
CA GLN D 67 -1.95 16.74 16.63
C GLN D 67 -2.66 18.08 16.79
N ALA D 68 -2.87 18.76 15.67
CA ALA D 68 -3.58 20.03 15.65
C ALA D 68 -4.84 19.90 14.78
N TRP D 69 -5.13 18.70 14.30
CA TRP D 69 -6.32 18.51 13.49
C TRP D 69 -7.54 18.64 14.39
N PRO D 70 -8.70 18.98 13.80
CA PRO D 70 -9.99 19.15 14.47
C PRO D 70 -10.44 17.81 15.08
N PRO D 71 -11.03 17.84 16.29
CA PRO D 71 -11.50 16.63 16.96
C PRO D 71 -12.17 15.61 16.04
N LYS D 72 -13.00 16.06 15.11
CA LYS D 72 -13.64 15.15 14.19
C LYS D 72 -12.60 14.45 13.32
N GLU D 73 -11.64 15.22 12.81
CA GLU D 73 -10.62 14.65 11.96
C GLU D 73 -9.76 13.69 12.73
N ARG D 74 -9.45 14.06 13.97
CA ARG D 74 -8.63 13.20 14.81
C ARG D 74 -9.35 11.89 15.12
N ALA D 75 -10.67 11.94 15.25
CA ALA D 75 -11.45 10.74 15.54
C ALA D 75 -11.36 9.77 14.36
N ALA D 76 -11.39 10.32 13.15
CA ALA D 76 -11.30 9.51 11.95
C ALA D 76 -9.92 8.85 11.89
N LEU D 77 -8.92 9.61 12.30
CA LEU D 77 -7.54 9.14 12.33
C LEU D 77 -7.38 8.00 13.34
N GLN D 78 -8.01 8.12 14.50
CA GLN D 78 -7.91 7.08 15.54
C GLN D 78 -8.54 5.79 15.06
N GLU D 79 -9.63 5.93 14.31
CA GLU D 79 -10.34 4.79 13.79
C GLU D 79 -9.52 4.04 12.74
N GLU D 80 -8.98 4.77 11.77
CA GLU D 80 -8.19 4.09 10.74
C GLU D 80 -6.92 3.49 11.33
N LEU D 81 -6.24 4.21 12.21
CA LEU D 81 -5.05 3.63 12.82
C LEU D 81 -5.42 2.33 13.54
N SER D 82 -6.58 2.35 14.21
CA SER D 82 -7.06 1.17 14.95
C SER D 82 -7.31 0.01 14.02
N ASP D 83 -8.07 0.25 12.95
CA ASP D 83 -8.35 -0.83 11.99
C ASP D 83 -7.07 -1.50 11.50
N VAL D 84 -6.05 -0.72 11.18
CA VAL D 84 -4.82 -1.31 10.69
C VAL D 84 -4.23 -2.25 11.76
N LEU D 85 -4.19 -1.79 13.01
CA LEU D 85 -3.61 -2.61 14.08
C LEU D 85 -4.38 -3.91 14.25
N ILE D 86 -5.71 -3.84 14.26
CA ILE D 86 -6.54 -5.02 14.44
C ILE D 86 -6.24 -6.11 13.42
N TYR D 87 -6.27 -5.77 12.15
CA TYR D 87 -5.99 -6.76 11.12
C TYR D 87 -4.56 -7.24 11.19
N LEU D 88 -3.66 -6.37 11.64
CA LEU D 88 -2.26 -6.74 11.73
C LEU D 88 -2.14 -7.80 12.82
N VAL D 89 -2.78 -7.59 13.97
CA VAL D 89 -2.71 -8.58 15.04
C VAL D 89 -3.38 -9.88 14.59
N ALA D 90 -4.55 -9.77 13.97
CA ALA D 90 -5.27 -10.94 13.49
C ALA D 90 -4.39 -11.72 12.54
N LEU D 91 -3.77 -11.03 11.59
CA LEU D 91 -2.90 -11.69 10.62
C LEU D 91 -1.72 -12.39 11.30
N ALA D 92 -1.05 -11.69 12.21
CA ALA D 92 0.08 -12.24 12.92
C ALA D 92 -0.33 -13.47 13.74
N ALA D 93 -1.45 -13.36 14.43
CA ALA D 93 -1.94 -14.48 15.25
C ALA D 93 -2.14 -15.69 14.34
N ARG D 94 -2.94 -15.48 13.29
CA ARG D 94 -3.24 -16.50 12.30
C ARG D 94 -1.95 -17.17 11.79
N CYS D 95 -0.88 -16.38 11.68
CA CYS D 95 0.39 -16.90 11.21
C CYS D 95 1.24 -17.49 12.34
N HIS D 96 0.69 -17.49 13.55
CA HIS D 96 1.41 -17.99 14.73
C HIS D 96 2.72 -17.27 14.93
N VAL D 97 2.72 -15.96 14.74
CA VAL D 97 3.94 -15.18 14.95
C VAL D 97 3.75 -14.44 16.27
N ASP D 98 4.71 -14.60 17.17
CA ASP D 98 4.67 -13.93 18.47
C ASP D 98 5.08 -12.50 18.16
N LEU D 99 4.09 -11.69 17.83
CA LEU D 99 4.34 -10.30 17.46
C LEU D 99 5.18 -9.49 18.46
N PRO D 100 4.81 -9.48 19.75
CA PRO D 100 5.56 -8.74 20.76
C PRO D 100 7.04 -9.14 20.73
N GLN D 101 7.27 -10.45 20.73
CA GLN D 101 8.61 -10.99 20.71
C GLN D 101 9.32 -10.65 19.42
N ALA D 102 8.62 -10.82 18.31
CA ALA D 102 9.20 -10.53 16.99
C ALA D 102 9.88 -9.16 17.00
N VAL D 103 9.31 -8.23 17.76
CA VAL D 103 9.88 -6.89 17.86
C VAL D 103 11.19 -6.90 18.64
N ILE D 104 11.32 -7.84 19.58
CA ILE D 104 12.55 -7.97 20.37
C ILE D 104 13.59 -8.77 19.57
N SER D 105 13.15 -9.87 18.97
CA SER D 105 14.03 -10.70 18.17
C SER D 105 14.54 -9.89 16.98
N LYS D 106 14.16 -8.62 16.93
CA LYS D 106 14.57 -7.73 15.85
C LYS D 106 15.65 -6.74 16.30
N MET D 107 15.30 -5.92 17.28
CA MET D 107 16.23 -4.92 17.80
C MET D 107 17.55 -5.54 18.24
N ASP D 108 17.53 -6.84 18.51
CA ASP D 108 18.73 -7.57 18.92
C ASP D 108 19.30 -7.04 20.23
#